data_3N3X
#
_entry.id   3N3X
#
_cell.length_a   130.241
_cell.length_b   130.241
_cell.length_c   39.974
_cell.angle_alpha   90.00
_cell.angle_beta   90.00
_cell.angle_gamma   120.00
#
_symmetry.space_group_name_H-M   'H 3'
#
loop_
_entity.id
_entity.type
_entity.pdbx_description
1 polymer 'Ribosome inactivating protein'
2 polymer 'SDDDMG peptide'
3 branched 2-acetamido-2-deoxy-beta-D-glucopyranose-(1-4)-2-acetamido-2-deoxy-beta-D-glucopyranose
4 non-polymer GUANINE
5 water water
#
loop_
_entity_poly.entity_id
_entity_poly.type
_entity_poly.pdbx_seq_one_letter_code
_entity_poly.pdbx_strand_id
1 'polypeptide(L)'
;DVSFRLSGADPSSYGMFIKDLRNALPHTEKVYNIPLLLPSVSGAGRYLLMHLFNYDGNTITVAVDVTNVYIMGYLALTTS
YFFNEPAADLASQYVFRSARRKITLPYSGNYERLQIAAGKPREKIPIGLPALDTAISTLLHYDSTAAAGALLVLIQTTAE
AARFKYIEQQIQERAYRDEVPSSATISLENSWSGLSKQIQLAQGNNGVFRTPTVLVDSKGNRVQITNVTSNVVTSNIQLL
LNTKNI
;
A
2 'polypeptide(L)' SDDDMG B
#
# COMPACT_ATOMS: atom_id res chain seq x y z
N ASP A 1 7.67 9.09 12.00
CA ASP A 1 6.89 7.82 12.07
C ASP A 1 5.39 8.12 11.99
N VAL A 2 4.61 7.10 11.62
CA VAL A 2 3.16 7.20 11.70
C VAL A 2 2.64 6.01 12.51
N SER A 3 1.47 6.18 13.13
CA SER A 3 0.87 5.11 13.93
C SER A 3 -0.61 4.93 13.66
N PHE A 4 -1.08 3.70 13.88
CA PHE A 4 -2.50 3.38 13.79
C PHE A 4 -2.85 2.32 14.82
N ARG A 5 -3.87 2.60 15.62
CA ARG A 5 -4.33 1.70 16.67
C ARG A 5 -5.70 1.12 16.34
N LEU A 6 -5.79 -0.21 16.31
CA LEU A 6 -7.06 -0.85 15.97
C LEU A 6 -8.05 -0.80 17.12
N SER A 7 -7.54 -0.68 18.34
CA SER A 7 -8.40 -0.57 19.51
C SER A 7 -9.10 0.79 19.49
N GLY A 8 -10.42 0.74 19.30
CA GLY A 8 -11.21 1.98 19.21
C GLY A 8 -11.24 2.58 17.82
N ALA A 9 -10.64 1.88 16.87
CA ALA A 9 -10.57 2.37 15.48
C ALA A 9 -11.94 2.52 14.87
N ASP A 10 -12.10 3.55 14.06
CA ASP A 10 -13.31 3.76 13.26
C ASP A 10 -12.93 4.39 11.92
N PRO A 11 -13.91 4.52 10.99
CA PRO A 11 -13.55 5.14 9.70
C PRO A 11 -12.77 6.45 9.84
N SER A 12 -13.08 7.25 10.85
CA SER A 12 -12.42 8.53 11.05
C SER A 12 -10.94 8.40 11.46
N SER A 13 -10.64 7.53 12.44
CA SER A 13 -9.27 7.36 12.91
C SER A 13 -8.41 6.67 11.85
N TYR A 14 -9.04 5.77 11.09
CA TYR A 14 -8.34 5.14 9.95
C TYR A 14 -8.04 6.17 8.86
N GLY A 15 -9.02 7.02 8.54
CA GLY A 15 -8.77 8.13 7.63
C GLY A 15 -7.60 9.01 8.06
N MET A 16 -7.52 9.28 9.37
CA MET A 16 -6.42 10.10 9.89
C MET A 16 -5.05 9.44 9.68
N PHE A 17 -5.00 8.13 9.92
CA PHE A 17 -3.78 7.34 9.70
C PHE A 17 -3.34 7.40 8.23
N ILE A 18 -4.27 7.19 7.31
CA ILE A 18 -3.93 7.22 5.89
C ILE A 18 -3.46 8.62 5.49
N LYS A 19 -4.11 9.65 6.02
CA LYS A 19 -3.65 11.03 5.85
C LYS A 19 -2.20 11.19 6.33
N ASP A 20 -1.93 10.71 7.54
CA ASP A 20 -0.59 10.76 8.15
C ASP A 20 0.44 10.05 7.28
N LEU A 21 0.08 8.86 6.81
CA LEU A 21 0.95 8.06 5.94
C LEU A 21 1.32 8.83 4.68
N ARG A 22 0.31 9.36 3.98
CA ARG A 22 0.54 10.15 2.76
C ARG A 22 1.45 11.33 3.04
N ASN A 23 1.20 12.02 4.15
CA ASN A 23 1.94 13.24 4.52
C ASN A 23 3.37 12.99 4.97
N ALA A 24 3.69 11.73 5.29
CA ALA A 24 5.03 11.35 5.68
C ALA A 24 5.93 11.07 4.48
N LEU A 25 5.32 11.00 3.30
CA LEU A 25 6.06 10.72 2.06
C LEU A 25 6.47 12.05 1.43
N PRO A 26 7.79 12.25 1.25
CA PRO A 26 8.29 13.53 0.76
C PRO A 26 8.06 13.72 -0.74
N HIS A 27 7.93 14.98 -1.15
CA HIS A 27 7.84 15.34 -2.54
C HIS A 27 8.34 16.76 -2.72
N THR A 28 8.93 17.04 -3.89
CA THR A 28 9.42 18.38 -4.25
C THR A 28 8.45 19.06 -5.21
N GLU A 29 7.57 18.26 -5.80
CA GLU A 29 6.79 18.67 -6.95
C GLU A 29 5.41 17.99 -6.89
N LYS A 30 4.39 18.73 -7.33
CA LYS A 30 3.09 18.14 -7.62
C LYS A 30 2.86 18.17 -9.13
N VAL A 31 2.31 17.09 -9.65
CA VAL A 31 2.00 16.95 -11.06
C VAL A 31 0.49 16.77 -11.19
N TYR A 32 -0.14 17.68 -11.93
CA TYR A 32 -1.60 17.79 -11.97
C TYR A 32 -2.21 17.74 -10.55
N ASN A 33 -1.57 18.45 -9.63
CA ASN A 33 -2.00 18.61 -8.23
C ASN A 33 -1.87 17.33 -7.37
N ILE A 34 -1.17 16.33 -7.90
CA ILE A 34 -0.89 15.09 -7.18
C ILE A 34 0.59 15.07 -6.80
N PRO A 35 0.92 14.84 -5.50
CA PRO A 35 2.31 14.74 -5.08
C PRO A 35 3.11 13.72 -5.90
N LEU A 36 4.28 14.15 -6.35
CA LEU A 36 5.18 13.31 -7.12
C LEU A 36 6.25 12.75 -6.19
N LEU A 37 6.22 11.45 -5.96
CA LEU A 37 7.20 10.83 -5.10
C LEU A 37 8.61 11.03 -5.65
N LEU A 38 9.60 11.06 -4.77
CA LEU A 38 10.99 11.33 -5.16
C LEU A 38 11.63 10.20 -5.98
N PRO A 39 12.56 10.55 -6.88
CA PRO A 39 13.30 9.54 -7.65
C PRO A 39 14.11 8.60 -6.75
N SER A 40 14.71 9.16 -5.71
CA SER A 40 15.53 8.40 -4.77
C SER A 40 15.73 9.17 -3.47
N VAL A 41 15.97 8.44 -2.39
CA VAL A 41 16.35 9.00 -1.11
C VAL A 41 17.49 8.13 -0.59
N SER A 42 18.57 8.77 -0.10
CA SER A 42 19.74 8.05 0.40
C SER A 42 19.69 7.82 1.91
N GLY A 43 20.17 6.65 2.32
CA GLY A 43 20.32 6.32 3.75
C GLY A 43 19.03 5.86 4.40
N ALA A 44 18.96 6.04 5.72
CA ALA A 44 17.81 5.64 6.51
C ALA A 44 16.55 6.44 6.19
N GLY A 45 16.74 7.66 5.68
CA GLY A 45 15.63 8.54 5.31
C GLY A 45 14.70 7.99 4.25
N ARG A 46 15.14 6.94 3.56
CA ARG A 46 14.33 6.28 2.53
C ARG A 46 13.14 5.56 3.15
N TYR A 47 13.24 5.23 4.44
CA TYR A 47 12.26 4.34 5.06
C TYR A 47 11.41 5.01 6.12
N LEU A 48 10.10 4.97 5.88
CA LEU A 48 9.12 5.39 6.87
C LEU A 48 8.80 4.20 7.77
N LEU A 49 8.69 4.47 9.06
CA LEU A 49 8.27 3.45 10.03
C LEU A 49 6.80 3.65 10.40
N MET A 50 6.02 2.58 10.20
CA MET A 50 4.60 2.57 10.57
C MET A 50 4.40 1.70 11.79
N HIS A 51 3.93 2.29 12.89
CA HIS A 51 3.62 1.53 14.08
C HIS A 51 2.15 1.11 14.07
N LEU A 52 1.92 -0.19 13.96
CA LEU A 52 0.55 -0.71 13.93
C LEU A 52 0.27 -1.51 15.20
N PHE A 53 -0.88 -1.25 15.82
CA PHE A 53 -1.28 -1.91 17.07
C PHE A 53 -2.58 -2.68 16.86
N ASN A 54 -2.58 -3.97 17.25
CA ASN A 54 -3.81 -4.75 17.15
C ASN A 54 -4.79 -4.39 18.26
N TYR A 55 -5.97 -5.01 18.28
CA TYR A 55 -7.01 -4.65 19.25
C TYR A 55 -6.50 -4.77 20.69
N ASP A 56 -5.64 -5.77 20.92
CA ASP A 56 -5.05 -6.05 22.24
C ASP A 56 -3.84 -5.17 22.59
N GLY A 57 -3.41 -4.33 21.65
CA GLY A 57 -2.34 -3.38 21.92
C GLY A 57 -0.95 -3.89 21.61
N ASN A 58 -0.86 -5.11 21.10
CA ASN A 58 0.41 -5.64 20.61
C ASN A 58 0.77 -4.94 19.32
N THR A 59 2.06 -4.82 19.04
CA THR A 59 2.50 -3.95 17.93
C THR A 59 3.57 -4.54 17.01
N ILE A 60 3.55 -4.10 15.76
CA ILE A 60 4.63 -4.34 14.83
C ILE A 60 5.02 -3.00 14.23
N THR A 61 6.26 -2.89 13.78
CA THR A 61 6.71 -1.72 13.05
C THR A 61 7.00 -2.13 11.62
N VAL A 62 6.38 -1.44 10.67
CA VAL A 62 6.51 -1.77 9.25
C VAL A 62 7.38 -0.72 8.56
N ALA A 63 8.40 -1.18 7.83
CA ALA A 63 9.30 -0.30 7.07
C ALA A 63 8.79 -0.12 5.63
N VAL A 64 8.59 1.14 5.24
CA VAL A 64 8.02 1.49 3.95
C VAL A 64 8.99 2.40 3.19
N ASP A 65 9.34 2.02 1.96
CA ASP A 65 10.18 2.84 1.08
C ASP A 65 9.38 4.07 0.63
N VAL A 66 9.86 5.26 0.97
CA VAL A 66 9.08 6.50 0.74
C VAL A 66 9.00 6.95 -0.74
N THR A 67 9.81 6.32 -1.60
CA THR A 67 9.82 6.63 -3.02
C THR A 67 8.73 5.88 -3.78
N ASN A 68 8.27 4.74 -3.26
CA ASN A 68 7.31 3.93 -3.99
C ASN A 68 6.29 3.27 -3.12
N VAL A 69 6.36 3.62 -1.84
CA VAL A 69 5.41 3.20 -0.86
C VAL A 69 5.38 1.66 -0.67
N TYR A 70 6.51 1.03 -0.96
CA TYR A 70 6.70 -0.42 -0.94
C TYR A 70 7.11 -0.89 0.46
N ILE A 71 6.35 -1.83 1.00
CA ILE A 71 6.67 -2.37 2.32
C ILE A 71 7.84 -3.32 2.15
N MET A 72 8.90 -3.09 2.91
CA MET A 72 10.15 -3.86 2.78
C MET A 72 10.25 -4.99 3.79
N GLY A 73 9.69 -4.75 4.97
CA GLY A 73 9.83 -5.68 6.09
C GLY A 73 9.22 -5.07 7.32
N TYR A 74 9.36 -5.76 8.45
CA TYR A 74 8.73 -5.32 9.69
C TYR A 74 9.46 -5.91 10.88
N LEU A 75 9.21 -5.29 12.03
CA LEU A 75 9.75 -5.72 13.30
C LEU A 75 8.61 -6.21 14.18
N ALA A 76 8.78 -7.39 14.74
CA ALA A 76 7.80 -7.96 15.67
C ALA A 76 8.60 -8.42 16.87
N LEU A 77 8.49 -7.65 17.95
CA LEU A 77 9.32 -7.76 19.15
C LEU A 77 10.82 -7.64 18.85
N THR A 78 11.45 -8.80 19.01
CA THR A 78 12.91 -8.70 18.85
C THR A 78 13.41 -9.36 17.57
N THR A 79 12.47 -9.63 16.66
CA THR A 79 12.81 -10.26 15.39
C THR A 79 12.38 -9.36 14.22
N SER A 80 13.30 -9.12 13.30
CA SER A 80 12.97 -8.41 12.04
C SER A 80 12.71 -9.43 10.94
N TYR A 81 11.85 -9.03 9.99
CA TYR A 81 11.48 -9.87 8.88
C TYR A 81 11.53 -9.03 7.60
N PHE A 82 12.21 -9.56 6.57
CA PHE A 82 12.34 -8.86 5.30
C PHE A 82 11.98 -9.74 4.12
N PHE A 83 11.37 -9.15 3.10
CA PHE A 83 11.13 -9.86 1.84
C PHE A 83 12.42 -10.32 1.20
N ASN A 84 12.35 -11.43 0.48
CA ASN A 84 13.50 -11.98 -0.21
C ASN A 84 13.67 -11.28 -1.55
N GLU A 85 14.22 -10.06 -1.48
CA GLU A 85 14.43 -9.20 -2.65
C GLU A 85 15.54 -8.20 -2.36
N PRO A 86 16.31 -7.81 -3.39
CA PRO A 86 17.44 -6.89 -3.18
C PRO A 86 17.07 -5.59 -2.45
N ALA A 87 15.93 -5.00 -2.79
CA ALA A 87 15.50 -3.75 -2.16
C ALA A 87 15.26 -3.91 -0.66
N ALA A 88 14.69 -5.06 -0.27
CA ALA A 88 14.45 -5.33 1.14
C ALA A 88 15.72 -5.64 1.90
N ASP A 89 16.64 -6.39 1.26
CA ASP A 89 17.94 -6.63 1.87
C ASP A 89 18.65 -5.31 2.13
N LEU A 90 18.61 -4.41 1.14
CA LEU A 90 19.16 -3.06 1.30
C LEU A 90 18.53 -2.34 2.50
N ALA A 91 17.20 -2.37 2.58
CA ALA A 91 16.49 -1.79 3.72
C ALA A 91 17.00 -2.32 5.06
N SER A 92 17.30 -3.62 5.11
CA SER A 92 17.76 -4.26 6.35
C SER A 92 19.10 -3.72 6.84
N GLN A 93 19.67 -2.92 5.95
CA GLN A 93 20.94 -2.34 6.29
C GLN A 93 20.73 -1.11 7.23
N TYR A 94 19.52 -0.55 7.18
CA TYR A 94 19.17 0.71 7.81
C TYR A 94 18.12 0.64 8.92
N VAL A 95 17.17 -0.30 8.79
CA VAL A 95 16.07 -0.37 9.75
C VAL A 95 16.09 -1.66 10.58
N PHE A 96 15.66 -1.53 11.83
CA PHE A 96 15.48 -2.67 12.76
C PHE A 96 16.80 -3.36 13.07
N ARG A 97 17.88 -2.61 12.94
CA ARG A 97 19.22 -3.17 13.15
C ARG A 97 19.40 -3.78 14.54
N SER A 98 18.65 -3.26 15.51
CA SER A 98 18.76 -3.69 16.89
C SER A 98 17.94 -4.95 17.23
N ALA A 99 17.25 -5.52 16.25
CA ALA A 99 16.57 -6.82 16.43
C ALA A 99 17.60 -7.89 16.82
N ARG A 100 17.18 -8.84 17.64
CA ARG A 100 18.13 -9.89 17.99
C ARG A 100 18.41 -10.83 16.81
N ARG A 101 17.44 -11.08 15.95
CA ARG A 101 17.66 -11.89 14.76
C ARG A 101 16.85 -11.31 13.62
N LYS A 102 17.34 -11.57 12.42
CA LYS A 102 16.69 -11.17 11.19
C LYS A 102 16.33 -12.40 10.38
N ILE A 103 15.03 -12.54 10.11
CA ILE A 103 14.53 -13.58 9.24
C ILE A 103 14.23 -13.01 7.84
N THR A 104 14.77 -13.66 6.82
CA THR A 104 14.37 -13.35 5.46
C THR A 104 13.18 -14.24 5.13
N LEU A 105 12.05 -13.62 4.82
CA LEU A 105 10.86 -14.36 4.37
C LEU A 105 11.13 -15.17 3.11
N PRO A 106 10.48 -16.32 2.94
CA PRO A 106 10.77 -17.14 1.78
C PRO A 106 9.95 -16.77 0.54
N TYR A 107 9.84 -15.46 0.31
CA TYR A 107 9.23 -14.90 -0.88
C TYR A 107 9.59 -13.43 -0.95
N SER A 108 9.55 -12.90 -2.17
CA SER A 108 9.62 -11.46 -2.40
C SER A 108 8.28 -10.84 -2.03
N GLY A 109 8.22 -9.52 -2.13
CA GLY A 109 7.04 -8.78 -1.71
C GLY A 109 6.04 -8.42 -2.79
N ASN A 110 6.21 -8.93 -4.01
CA ASN A 110 5.20 -8.65 -5.03
C ASN A 110 3.97 -9.53 -4.86
N TYR A 111 2.86 -9.06 -5.41
CA TYR A 111 1.58 -9.73 -5.29
C TYR A 111 1.59 -11.15 -5.84
N GLU A 112 2.22 -11.34 -7.00
CA GLU A 112 2.23 -12.69 -7.56
C GLU A 112 2.89 -13.72 -6.64
N ARG A 113 4.07 -13.38 -6.12
CA ARG A 113 4.76 -14.26 -5.17
C ARG A 113 4.00 -14.46 -3.85
N LEU A 114 3.45 -13.37 -3.31
CA LEU A 114 2.71 -13.47 -2.07
C LEU A 114 1.47 -14.35 -2.19
N GLN A 115 0.75 -14.20 -3.30
CA GLN A 115 -0.45 -14.99 -3.58
C GLN A 115 -0.10 -16.47 -3.69
N ILE A 116 1.05 -16.77 -4.30
CA ILE A 116 1.54 -18.15 -4.39
C ILE A 116 1.81 -18.73 -2.99
N ALA A 117 2.54 -17.97 -2.18
CA ALA A 117 2.87 -18.39 -0.82
C ALA A 117 1.62 -18.59 0.04
N ALA A 118 0.64 -17.70 -0.14
CA ALA A 118 -0.61 -17.75 0.64
C ALA A 118 -1.60 -18.82 0.13
N GLY A 119 -1.44 -19.24 -1.13
CA GLY A 119 -2.33 -20.24 -1.74
C GLY A 119 -3.67 -19.67 -2.16
N LYS A 120 -3.72 -18.34 -2.28
CA LYS A 120 -4.97 -17.63 -2.59
C LYS A 120 -4.64 -16.35 -3.34
N PRO A 121 -5.44 -16.02 -4.38
CA PRO A 121 -5.31 -14.68 -4.97
C PRO A 121 -5.96 -13.63 -4.06
N ARG A 122 -5.65 -12.35 -4.29
CA ARG A 122 -6.22 -11.31 -3.45
C ARG A 122 -7.74 -11.35 -3.53
N GLU A 123 -8.26 -11.64 -4.72
CA GLU A 123 -9.71 -11.64 -4.94
C GLU A 123 -10.48 -12.47 -3.91
N LYS A 124 -9.79 -13.41 -3.27
CA LYS A 124 -10.42 -14.34 -2.32
C LYS A 124 -10.12 -14.06 -0.84
N ILE A 125 -9.27 -13.05 -0.59
CA ILE A 125 -8.86 -12.72 0.78
C ILE A 125 -9.61 -11.48 1.25
N PRO A 126 -10.54 -11.65 2.23
CA PRO A 126 -11.23 -10.49 2.77
C PRO A 126 -10.25 -9.48 3.38
N ILE A 127 -10.57 -8.20 3.21
CA ILE A 127 -9.80 -7.11 3.79
C ILE A 127 -10.72 -6.18 4.58
N GLY A 128 -10.12 -5.33 5.38
CA GLY A 128 -10.87 -4.45 6.27
C GLY A 128 -10.06 -4.24 7.53
N LEU A 129 -10.63 -3.50 8.47
CA LEU A 129 -9.95 -3.27 9.72
C LEU A 129 -9.86 -4.53 10.59
N PRO A 130 -10.95 -5.32 10.69
CA PRO A 130 -10.79 -6.60 11.38
C PRO A 130 -9.68 -7.47 10.77
N ALA A 131 -9.61 -7.55 9.44
CA ALA A 131 -8.56 -8.31 8.77
C ALA A 131 -7.17 -7.76 9.12
N LEU A 132 -7.07 -6.44 9.23
CA LEU A 132 -5.80 -5.84 9.61
C LEU A 132 -5.40 -6.23 11.02
N ASP A 133 -6.37 -6.28 11.93
CA ASP A 133 -6.12 -6.78 13.28
C ASP A 133 -5.54 -8.18 13.23
N THR A 134 -6.18 -9.04 12.44
CA THR A 134 -5.72 -10.42 12.29
C THR A 134 -4.29 -10.45 11.75
N ALA A 135 -4.02 -9.59 10.77
CA ALA A 135 -2.72 -9.60 10.10
C ALA A 135 -1.60 -9.24 11.06
N ILE A 136 -1.81 -8.20 11.88
CA ILE A 136 -0.84 -7.77 12.88
C ILE A 136 -0.57 -8.94 13.83
N SER A 137 -1.64 -9.55 14.31
CA SER A 137 -1.54 -10.68 15.22
C SER A 137 -0.74 -11.84 14.63
N THR A 138 -1.02 -12.18 13.37
CA THR A 138 -0.30 -13.21 12.64
C THR A 138 1.19 -12.89 12.55
N LEU A 139 1.51 -11.64 12.23
CA LEU A 139 2.91 -11.28 12.02
C LEU A 139 3.74 -11.26 13.30
N LEU A 140 3.09 -11.29 14.45
CA LEU A 140 3.78 -11.21 15.73
C LEU A 140 4.68 -12.43 15.99
N HIS A 141 4.28 -13.56 15.42
CA HIS A 141 5.05 -14.79 15.54
C HIS A 141 5.17 -15.47 14.19
N TYR A 142 6.39 -15.90 13.90
CA TYR A 142 6.71 -16.34 12.55
C TYR A 142 5.92 -17.56 12.06
N ASP A 143 5.28 -17.40 10.90
CA ASP A 143 4.56 -18.46 10.21
C ASP A 143 4.53 -18.01 8.74
N SER A 144 5.44 -18.52 7.92
CA SER A 144 5.60 -17.93 6.58
C SER A 144 4.35 -18.00 5.70
N THR A 145 3.63 -19.13 5.75
CA THR A 145 2.39 -19.26 4.97
C THR A 145 1.31 -18.29 5.47
N ALA A 146 1.09 -18.23 6.79
CA ALA A 146 0.09 -17.32 7.36
C ALA A 146 0.50 -15.88 7.09
N ALA A 147 1.80 -15.63 7.20
CA ALA A 147 2.34 -14.28 6.99
C ALA A 147 2.07 -13.74 5.57
N ALA A 148 2.12 -14.61 4.55
CA ALA A 148 1.88 -14.17 3.16
C ALA A 148 0.49 -13.54 3.04
N GLY A 149 -0.52 -14.23 3.58
CA GLY A 149 -1.88 -13.70 3.59
C GLY A 149 -1.97 -12.42 4.42
N ALA A 150 -1.35 -12.42 5.60
CA ALA A 150 -1.35 -11.26 6.49
C ALA A 150 -0.77 -10.06 5.74
N LEU A 151 0.32 -10.32 5.02
CA LEU A 151 1.01 -9.26 4.28
C LEU A 151 0.16 -8.71 3.14
N LEU A 152 -0.59 -9.58 2.45
CA LEU A 152 -1.53 -9.13 1.42
C LEU A 152 -2.57 -8.20 2.01
N VAL A 153 -3.07 -8.53 3.21
CA VAL A 153 -4.01 -7.64 3.88
C VAL A 153 -3.32 -6.33 4.26
N LEU A 154 -2.12 -6.43 4.83
CA LEU A 154 -1.40 -5.26 5.31
C LEU A 154 -1.13 -4.28 4.18
N ILE A 155 -0.62 -4.81 3.07
CA ILE A 155 -0.25 -3.96 1.93
C ILE A 155 -1.46 -3.17 1.43
N GLN A 156 -2.60 -3.86 1.30
CA GLN A 156 -3.79 -3.22 0.73
C GLN A 156 -4.45 -2.23 1.66
N THR A 157 -4.37 -2.49 2.95
CA THR A 157 -4.97 -1.61 3.91
C THR A 157 -4.10 -0.44 4.32
N THR A 158 -2.86 -0.41 3.87
CA THR A 158 -2.01 0.70 4.20
C THR A 158 -1.52 1.40 2.90
N ALA A 159 -0.59 0.75 2.21
CA ALA A 159 -0.02 1.34 1.01
C ALA A 159 -1.02 1.62 -0.10
N GLU A 160 -1.89 0.66 -0.37
CA GLU A 160 -2.85 0.85 -1.47
C GLU A 160 -3.88 1.93 -1.14
N ALA A 161 -4.33 1.96 0.11
CA ALA A 161 -5.22 3.02 0.62
C ALA A 161 -4.54 4.39 0.54
N ALA A 162 -3.24 4.44 0.83
CA ALA A 162 -2.46 5.69 0.71
C ALA A 162 -2.46 6.13 -0.75
N ARG A 163 -2.30 5.18 -1.69
CA ARG A 163 -2.20 5.51 -3.11
C ARG A 163 -3.50 5.99 -3.74
N PHE A 164 -4.62 5.44 -3.28
CA PHE A 164 -5.92 5.69 -3.90
C PHE A 164 -7.00 6.00 -2.88
N LYS A 165 -7.63 7.16 -3.03
CA LYS A 165 -8.76 7.53 -2.16
C LYS A 165 -9.88 6.49 -2.20
N TYR A 166 -10.15 5.93 -3.38
CA TYR A 166 -11.18 4.90 -3.52
C TYR A 166 -10.88 3.72 -2.58
N ILE A 167 -9.64 3.29 -2.54
CA ILE A 167 -9.27 2.14 -1.70
C ILE A 167 -9.37 2.48 -0.20
N GLU A 168 -8.92 3.68 0.18
CA GLU A 168 -9.13 4.18 1.54
C GLU A 168 -10.63 4.08 1.94
N GLN A 169 -11.51 4.60 1.07
CA GLN A 169 -12.96 4.54 1.30
C GLN A 169 -13.48 3.11 1.41
N GLN A 170 -12.93 2.20 0.62
CA GLN A 170 -13.35 0.81 0.63
C GLN A 170 -13.01 0.18 1.97
N ILE A 171 -11.83 0.50 2.50
CA ILE A 171 -11.44 -0.02 3.83
C ILE A 171 -12.30 0.60 4.92
N GLN A 172 -12.63 1.87 4.78
CA GLN A 172 -13.51 2.54 5.74
C GLN A 172 -14.89 1.87 5.84
N GLU A 173 -15.39 1.41 4.69
CA GLU A 173 -16.65 0.68 4.63
C GLU A 173 -16.53 -0.67 5.33
N ARG A 174 -15.30 -1.16 5.43
CA ARG A 174 -14.99 -2.46 6.03
C ARG A 174 -14.41 -2.27 7.43
N ALA A 175 -14.85 -1.22 8.14
CA ALA A 175 -14.32 -0.93 9.46
C ALA A 175 -14.67 -2.02 10.47
N TYR A 176 -15.84 -2.65 10.30
CA TYR A 176 -16.34 -3.63 11.30
C TYR A 176 -16.74 -4.98 10.69
N ARG A 177 -16.60 -5.03 9.37
CA ARG A 177 -16.84 -6.25 8.62
C ARG A 177 -15.89 -6.36 7.41
N ASP A 178 -15.13 -7.45 7.36
CA ASP A 178 -14.25 -7.68 6.22
C ASP A 178 -15.05 -8.07 5.00
N GLU A 179 -14.53 -7.72 3.83
CA GLU A 179 -15.09 -8.18 2.58
C GLU A 179 -13.95 -8.22 1.57
N VAL A 180 -14.00 -9.19 0.66
CA VAL A 180 -13.00 -9.27 -0.43
C VAL A 180 -12.97 -7.94 -1.19
N PRO A 181 -11.80 -7.55 -1.71
CA PRO A 181 -11.71 -6.28 -2.44
C PRO A 181 -12.59 -6.26 -3.68
N SER A 182 -13.17 -5.10 -3.99
CA SER A 182 -13.93 -4.95 -5.23
C SER A 182 -13.02 -5.15 -6.43
N SER A 183 -13.61 -5.51 -7.57
CA SER A 183 -12.85 -5.65 -8.82
C SER A 183 -12.15 -4.32 -9.16
N ALA A 184 -12.81 -3.20 -8.85
CA ALA A 184 -12.22 -1.86 -9.03
C ALA A 184 -10.95 -1.69 -8.20
N THR A 185 -11.02 -2.16 -6.95
CA THR A 185 -9.87 -2.11 -6.04
C THR A 185 -8.67 -2.83 -6.65
N ILE A 186 -8.89 -4.07 -7.08
CA ILE A 186 -7.84 -4.87 -7.71
C ILE A 186 -7.28 -4.15 -8.94
N SER A 187 -8.19 -3.58 -9.73
CA SER A 187 -7.83 -2.87 -10.97
C SER A 187 -6.86 -1.73 -10.66
N LEU A 188 -7.24 -0.90 -9.70
CA LEU A 188 -6.45 0.26 -9.28
C LEU A 188 -5.07 -0.15 -8.76
N GLU A 189 -5.04 -1.16 -7.89
CA GLU A 189 -3.77 -1.67 -7.36
C GLU A 189 -2.83 -2.05 -8.49
N ASN A 190 -3.37 -2.73 -9.49
CA ASN A 190 -2.61 -3.26 -10.63
C ASN A 190 -2.15 -2.15 -11.57
N SER A 191 -2.80 -0.99 -11.49
CA SER A 191 -2.59 0.08 -12.46
C SER A 191 -1.79 1.28 -11.96
N TRP A 192 -1.37 1.26 -10.70
CA TRP A 192 -0.74 2.44 -10.10
C TRP A 192 0.49 2.92 -10.86
N SER A 193 1.38 1.99 -11.20
CA SER A 193 2.58 2.34 -11.94
C SER A 193 2.23 2.90 -13.33
N GLY A 194 1.32 2.23 -14.03
CA GLY A 194 0.82 2.67 -15.34
C GLY A 194 0.23 4.07 -15.29
N LEU A 195 -0.67 4.28 -14.32
CA LEU A 195 -1.33 5.59 -14.14
C LEU A 195 -0.34 6.69 -13.80
N SER A 196 0.60 6.39 -12.90
CA SER A 196 1.63 7.33 -12.50
C SER A 196 2.42 7.78 -13.72
N LYS A 197 2.82 6.82 -14.55
CA LYS A 197 3.56 7.07 -15.78
C LYS A 197 2.79 7.98 -16.75
N GLN A 198 1.54 7.61 -17.04
CA GLN A 198 0.73 8.34 -18.00
C GLN A 198 0.40 9.78 -17.56
N ILE A 199 0.11 9.97 -16.28
CA ILE A 199 -0.13 11.29 -15.71
C ILE A 199 1.11 12.18 -15.89
N GLN A 200 2.28 11.62 -15.66
CA GLN A 200 3.53 12.34 -15.90
C GLN A 200 3.80 12.63 -17.37
N LEU A 201 3.53 11.66 -18.25
CA LEU A 201 3.71 11.85 -19.70
C LEU A 201 2.72 12.85 -20.26
N ALA A 202 1.58 13.02 -19.58
CA ALA A 202 0.54 13.96 -20.00
C ALA A 202 0.97 15.43 -19.92
N GLN A 203 1.95 15.73 -19.05
CA GLN A 203 2.42 17.10 -18.84
C GLN A 203 2.83 17.85 -20.12
N GLY A 204 3.45 17.12 -21.06
CA GLY A 204 3.86 17.67 -22.36
C GLY A 204 3.05 17.11 -23.53
N ASN A 205 1.87 16.59 -23.23
CA ASN A 205 0.99 16.03 -24.24
C ASN A 205 -0.44 16.56 -24.04
N ASN A 206 -0.52 17.78 -23.50
CA ASN A 206 -1.77 18.50 -23.32
C ASN A 206 -2.74 17.78 -22.39
N GLY A 207 -2.20 17.07 -21.41
CA GLY A 207 -3.02 16.33 -20.46
C GLY A 207 -3.56 15.00 -21.00
N VAL A 208 -3.14 14.63 -22.21
CA VAL A 208 -3.56 13.38 -22.84
C VAL A 208 -2.55 12.27 -22.54
N PHE A 209 -3.04 11.11 -22.12
CA PHE A 209 -2.22 9.92 -21.93
C PHE A 209 -1.63 9.44 -23.26
N ARG A 210 -0.31 9.21 -23.27
CA ARG A 210 0.34 8.61 -24.45
C ARG A 210 -0.25 7.22 -24.75
N THR A 211 -0.54 6.46 -23.69
CA THR A 211 -1.23 5.18 -23.79
C THR A 211 -2.38 5.10 -22.78
N PRO A 212 -3.61 4.86 -23.26
CA PRO A 212 -4.77 4.77 -22.36
C PRO A 212 -4.68 3.60 -21.38
N THR A 213 -5.15 3.83 -20.16
CA THR A 213 -5.15 2.82 -19.08
C THR A 213 -6.54 2.22 -18.94
N VAL A 214 -6.62 0.88 -19.03
CA VAL A 214 -7.90 0.16 -18.90
C VAL A 214 -8.17 -0.16 -17.43
N LEU A 215 -9.32 0.33 -16.92
CA LEU A 215 -9.73 0.09 -15.53
C LEU A 215 -11.14 -0.49 -15.40
N VAL A 216 -11.43 -1.08 -14.25
CA VAL A 216 -12.78 -1.51 -13.89
C VAL A 216 -13.36 -0.50 -12.89
N ASP A 217 -14.59 -0.03 -13.13
CA ASP A 217 -15.19 0.99 -12.25
C ASP A 217 -16.00 0.40 -11.08
N SER A 218 -16.57 1.29 -10.23
CA SER A 218 -17.33 0.88 -9.04
C SER A 218 -18.51 -0.01 -9.37
N LYS A 219 -19.21 0.24 -10.49
CA LYS A 219 -20.33 -0.57 -10.91
C LYS A 219 -19.87 -1.90 -11.53
N GLY A 220 -18.56 -2.08 -11.62
CA GLY A 220 -17.97 -3.30 -12.18
C GLY A 220 -17.78 -3.26 -13.68
N ASN A 221 -17.95 -2.07 -14.27
CA ASN A 221 -17.81 -1.89 -15.72
C ASN A 221 -16.41 -1.43 -16.11
N ARG A 222 -15.96 -1.88 -17.29
CA ARG A 222 -14.58 -1.69 -17.75
C ARG A 222 -14.38 -0.37 -18.53
N VAL A 223 -13.99 0.69 -17.81
CA VAL A 223 -13.70 1.99 -18.41
C VAL A 223 -12.28 2.09 -19.01
N GLN A 224 -12.05 3.12 -19.83
CA GLN A 224 -10.73 3.40 -20.38
C GLN A 224 -10.34 4.84 -20.05
N ILE A 225 -9.16 5.01 -19.46
CA ILE A 225 -8.69 6.31 -18.98
C ILE A 225 -7.70 6.88 -20.00
N THR A 226 -8.04 8.03 -20.57
CA THR A 226 -7.27 8.58 -21.69
C THR A 226 -6.65 9.95 -21.44
N ASN A 227 -7.14 10.65 -20.41
CA ASN A 227 -6.62 11.98 -20.09
C ASN A 227 -6.78 12.36 -18.63
N VAL A 228 -6.14 13.46 -18.23
CA VAL A 228 -6.11 13.92 -16.83
C VAL A 228 -7.43 14.50 -16.29
N THR A 229 -8.44 14.64 -17.15
CA THR A 229 -9.76 15.11 -16.68
C THR A 229 -10.54 13.97 -16.04
N SER A 230 -10.02 12.75 -16.15
CA SER A 230 -10.67 11.58 -15.59
C SER A 230 -10.79 11.68 -14.07
N ASN A 231 -11.90 11.19 -13.54
CA ASN A 231 -12.12 11.17 -12.10
C ASN A 231 -10.99 10.44 -11.35
N VAL A 232 -10.37 9.45 -11.97
CA VAL A 232 -9.21 8.70 -11.41
C VAL A 232 -8.14 9.68 -11.00
N VAL A 233 -7.93 10.56 -11.96
CA VAL A 233 -6.82 11.51 -11.83
C VAL A 233 -7.18 12.72 -10.96
N THR A 234 -8.39 13.25 -11.12
CA THR A 234 -8.79 14.46 -10.41
C THR A 234 -9.17 14.22 -8.94
N SER A 235 -9.58 13.00 -8.61
CA SER A 235 -10.13 12.75 -7.28
C SER A 235 -9.53 11.56 -6.55
N ASN A 236 -9.22 10.51 -7.31
CA ASN A 236 -8.80 9.21 -6.75
C ASN A 236 -7.33 9.05 -6.38
N ILE A 237 -6.45 8.97 -7.38
CA ILE A 237 -5.00 8.77 -7.13
C ILE A 237 -4.42 9.88 -6.25
N GLN A 238 -3.60 9.51 -5.27
CA GLN A 238 -3.12 10.46 -4.25
C GLN A 238 -1.60 10.68 -4.24
N LEU A 239 -0.89 9.79 -4.93
CA LEU A 239 0.57 9.77 -4.98
C LEU A 239 0.98 9.26 -6.34
N LEU A 240 2.07 9.81 -6.89
CA LEU A 240 2.59 9.38 -8.17
C LEU A 240 3.96 8.73 -8.01
N LEU A 241 4.08 7.50 -8.49
CA LEU A 241 5.37 6.85 -8.62
C LEU A 241 6.16 7.59 -9.69
N ASN A 242 7.36 8.04 -9.33
CA ASN A 242 8.22 8.79 -10.26
C ASN A 242 8.59 7.93 -11.48
N THR A 243 8.50 8.50 -12.70
CA THR A 243 8.83 7.76 -13.92
C THR A 243 10.28 7.24 -13.96
N LYS A 244 11.15 7.86 -13.18
CA LYS A 244 12.52 7.39 -13.01
C LYS A 244 12.55 5.98 -12.41
N ASN A 245 11.52 5.65 -11.63
CA ASN A 245 11.38 4.34 -11.00
C ASN A 245 10.39 3.41 -11.71
N ILE A 246 10.10 3.71 -12.99
CA ILE A 246 9.23 2.87 -13.82
C ILE A 246 9.98 2.39 -15.06
N SER B 1 -12.49 7.72 -7.88
CA SER B 1 -13.71 8.52 -7.59
C SER B 1 -14.93 7.63 -7.34
N ASP B 2 -15.28 6.44 -7.83
CA ASP B 2 -16.50 5.71 -7.44
C ASP B 2 -16.42 5.20 -6.00
N ASP B 3 -17.30 4.27 -5.62
CA ASP B 3 -17.26 3.70 -4.26
C ASP B 3 -17.80 2.26 -4.03
N ASP B 4 -18.66 2.15 -3.01
CA ASP B 4 -18.98 0.93 -2.23
C ASP B 4 -18.72 -0.52 -2.70
N MET B 5 -18.12 -1.28 -1.78
CA MET B 5 -18.14 -2.76 -1.73
C MET B 5 -17.57 -3.53 -2.93
N GLY B 6 -17.99 -4.73 -3.14
CA GLY B 6 -17.43 -5.62 -4.17
C GLY B 6 -16.75 -6.83 -3.56
#